data_1PII
#
_entry.id   1PII
#
_cell.length_a   104.700
_cell.length_b   104.700
_cell.length_c   68.000
_cell.angle_alpha   90.00
_cell.angle_beta   90.00
_cell.angle_gamma   90.00
#
_symmetry.space_group_name_H-M   'P 41'
#
loop_
_entity.id
_entity.type
_entity.pdbx_description
1 polymer "N-(5'PHOSPHORIBOSYL)ANTHRANILATE ISOMERASE"
2 non-polymer 'PHOSPHATE ION'
3 water water
#
_entity_poly.entity_id   1
_entity_poly.type   'polypeptide(L)'
_entity_poly.pdbx_seq_one_letter_code
;MQTVLAKIVADKAIWVEARKQQQPLASFQNEVQPSTRHFYDALQGARTAFILECKKASPSKGVIRDDFDPARIAAIYKHY
ASAISVLTDEKYFQGSFNFLPIVSQIAPQPILCKDFIIDPYQIYLARYYQADACLLMLSVLDDDQYRQLAAVAHSLEMGV
LTEVSNEEEQERAIALGAKVVGINNRDLRDLSIDLNRTRELAPKLGHNVTVISESGINTYAQVRELSHFANGFLIGSALM
AHDDLHAAVRRVLLGENKVCGLTRGQDAKAAYDAGAIYGGLIFVATSPRCVNVEQAQEVMAAAPLQYVGVFRNHDIADVV
DKAKVLSLAAVQLHGNEEQLYIDTLREALPAHVAIWKALSVGETLPAREFQHVDKYVLDNGQGGSGQRFDWSLLNGQSLG
NVLLAGGLGADNCVEAAQTGCAGLDFNSAVESQPGIKDARLLASVFQTLRAY
;
_entity_poly.pdbx_strand_id   A
#
# COMPACT_ATOMS: atom_id res chain seq x y z
N MET A 1 -6.71 15.09 32.86
CA MET A 1 -6.14 13.99 32.12
C MET A 1 -5.22 14.46 31.01
N GLN A 2 -4.24 13.62 30.73
CA GLN A 2 -3.25 13.83 29.69
C GLN A 2 -3.64 13.14 28.39
N THR A 3 -3.43 13.75 27.22
CA THR A 3 -3.72 12.98 26.01
C THR A 3 -2.61 11.92 25.83
N VAL A 4 -2.81 11.07 24.83
CA VAL A 4 -1.80 10.05 24.49
C VAL A 4 -0.54 10.80 24.04
N LEU A 5 -0.67 11.79 23.15
CA LEU A 5 0.46 12.57 22.66
C LEU A 5 1.31 13.15 23.79
N ALA A 6 0.62 13.74 24.76
CA ALA A 6 1.33 14.38 25.84
C ALA A 6 2.15 13.38 26.58
N LYS A 7 1.55 12.21 26.71
CA LYS A 7 2.21 11.13 27.40
C LYS A 7 3.41 10.63 26.60
N ILE A 8 3.29 10.50 25.28
CA ILE A 8 4.47 10.04 24.56
C ILE A 8 5.62 11.06 24.63
N VAL A 9 5.23 12.32 24.46
CA VAL A 9 6.20 13.39 24.47
C VAL A 9 6.79 13.53 25.86
N ALA A 10 6.03 13.39 26.95
CA ALA A 10 6.67 13.41 28.28
C ALA A 10 7.71 12.30 28.40
N ASP A 11 7.42 11.15 27.80
CA ASP A 11 8.37 10.06 27.89
C ASP A 11 9.58 10.30 27.01
N LYS A 12 9.36 11.04 25.93
CA LYS A 12 10.49 11.27 25.06
C LYS A 12 11.53 12.13 25.76
N ALA A 13 11.08 13.11 26.51
CA ALA A 13 12.01 13.99 27.20
C ALA A 13 12.94 13.21 28.10
N ILE A 14 12.32 12.24 28.73
CA ILE A 14 13.08 11.39 29.62
C ILE A 14 14.03 10.59 28.78
N TRP A 15 13.58 10.00 27.67
CA TRP A 15 14.51 9.29 26.82
C TRP A 15 15.65 10.21 26.37
N VAL A 16 15.36 11.46 25.93
CA VAL A 16 16.38 12.41 25.48
C VAL A 16 17.48 12.71 26.51
N GLU A 17 17.06 13.04 27.73
CA GLU A 17 17.90 13.33 28.86
C GLU A 17 18.82 12.17 29.21
N ALA A 18 18.32 10.95 29.16
CA ALA A 18 19.17 9.82 29.45
C ALA A 18 20.18 9.56 28.35
N ARG A 19 19.74 9.67 27.10
CA ARG A 19 20.60 9.42 25.95
C ARG A 19 21.78 10.39 25.84
N LYS A 20 21.60 11.63 26.31
CA LYS A 20 22.62 12.63 26.26
C LYS A 20 23.65 12.26 27.29
N GLN A 21 23.21 11.56 28.33
CA GLN A 21 24.08 11.14 29.43
C GLN A 21 25.05 10.09 28.89
N GLN A 22 24.47 9.14 28.16
CA GLN A 22 25.10 8.01 27.50
C GLN A 22 25.88 8.37 26.23
N GLN A 23 25.57 9.47 25.55
CA GLN A 23 26.24 9.85 24.31
C GLN A 23 26.14 11.36 24.14
N PRO A 24 26.84 12.10 24.95
CA PRO A 24 26.81 13.53 24.94
C PRO A 24 27.06 14.07 23.56
N LEU A 25 26.41 15.19 23.26
CA LEU A 25 26.59 15.77 21.96
C LEU A 25 28.02 16.11 21.62
N ALA A 26 28.73 16.65 22.61
CA ALA A 26 30.15 17.04 22.51
C ALA A 26 30.99 15.90 21.96
N SER A 27 30.60 14.68 22.30
CA SER A 27 31.34 13.56 21.77
C SER A 27 31.14 13.27 20.29
N PHE A 28 30.22 13.89 19.54
CA PHE A 28 30.15 13.51 18.13
C PHE A 28 29.76 14.59 17.16
N GLN A 29 29.33 15.71 17.74
CA GLN A 29 28.86 16.79 16.91
C GLN A 29 29.74 17.12 15.72
N ASN A 30 31.01 17.27 16.03
CA ASN A 30 32.07 17.61 15.10
C ASN A 30 32.20 16.65 13.95
N GLU A 31 31.92 15.38 14.26
CA GLU A 31 32.00 14.44 13.17
C GLU A 31 30.68 14.27 12.40
N VAL A 32 29.65 15.02 12.72
CA VAL A 32 28.41 14.82 11.98
C VAL A 32 28.53 15.61 10.69
N GLN A 33 28.37 14.98 9.53
CA GLN A 33 28.51 15.70 8.28
C GLN A 33 27.19 15.78 7.56
N PRO A 34 27.03 16.70 6.66
CA PRO A 34 25.71 16.80 6.07
C PRO A 34 25.24 15.62 5.27
N SER A 35 23.92 15.47 5.14
CA SER A 35 23.37 14.40 4.31
C SER A 35 23.69 14.60 2.84
N THR A 36 23.93 13.53 2.13
CA THR A 36 24.20 13.57 0.70
C THR A 36 23.01 13.13 -0.14
N ARG A 37 21.88 12.93 0.52
CA ARG A 37 20.63 12.54 -0.19
C ARG A 37 19.67 13.73 -0.25
N HIS A 38 18.72 13.69 -1.17
CA HIS A 38 17.85 14.85 -1.34
C HIS A 38 16.39 14.56 -1.10
N PHE A 39 15.99 14.66 0.17
CA PHE A 39 14.63 14.41 0.57
C PHE A 39 13.62 15.22 -0.26
N TYR A 40 13.72 16.55 -0.25
CA TYR A 40 12.82 17.45 -0.92
C TYR A 40 12.77 17.06 -2.37
N ASP A 41 13.91 16.76 -2.93
CA ASP A 41 13.87 16.41 -4.32
C ASP A 41 13.17 15.15 -4.69
N ALA A 42 13.30 14.07 -3.93
CA ALA A 42 12.64 12.83 -4.32
C ALA A 42 11.11 12.90 -4.27
N LEU A 43 10.54 13.91 -3.60
CA LEU A 43 9.10 14.02 -3.41
C LEU A 43 8.43 14.87 -4.44
N GLN A 44 9.27 15.59 -5.14
CA GLN A 44 8.81 16.45 -6.20
C GLN A 44 8.74 15.59 -7.46
N GLY A 45 7.79 15.86 -8.31
CA GLY A 45 7.73 14.95 -9.44
C GLY A 45 6.35 14.93 -10.06
N ALA A 46 6.34 14.37 -11.27
CA ALA A 46 5.11 14.21 -12.03
C ALA A 46 4.09 13.47 -11.16
N ARG A 47 4.37 12.19 -10.93
CA ARG A 47 3.71 11.11 -10.22
C ARG A 47 3.49 11.38 -8.74
N THR A 48 2.44 10.79 -8.23
CA THR A 48 2.19 10.79 -6.81
C THR A 48 3.36 10.06 -6.14
N ALA A 49 3.90 10.60 -5.02
CA ALA A 49 5.06 9.97 -4.38
C ALA A 49 4.68 9.14 -3.16
N PHE A 50 5.51 8.15 -2.79
CA PHE A 50 5.19 7.32 -1.64
C PHE A 50 6.37 7.30 -0.67
N ILE A 51 6.08 7.53 0.59
CA ILE A 51 7.09 7.39 1.63
C ILE A 51 6.62 6.13 2.34
N LEU A 52 7.33 5.07 2.18
CA LEU A 52 6.90 3.85 2.86
C LEU A 52 7.60 3.68 4.20
N GLU A 53 6.87 3.31 5.22
CA GLU A 53 7.35 3.26 6.58
C GLU A 53 7.62 1.88 7.15
N CYS A 54 8.74 1.88 7.88
N CYS A 54 8.74 1.83 7.86
CA CYS A 54 9.30 0.75 8.61
CA CYS A 54 9.23 0.63 8.50
C CYS A 54 8.85 0.92 10.03
C CYS A 54 8.88 0.85 9.97
N LYS A 55 7.81 0.22 10.44
CA LYS A 55 7.34 0.42 11.78
C LYS A 55 6.98 -0.95 12.33
N LYS A 56 7.44 -1.24 13.55
CA LYS A 56 7.15 -2.52 14.18
C LYS A 56 5.86 -2.46 14.99
N ALA A 57 5.65 -1.36 15.69
CA ALA A 57 4.46 -1.32 16.48
C ALA A 57 4.03 0.11 16.49
N SER A 58 2.86 0.29 17.05
CA SER A 58 2.28 1.61 17.13
C SER A 58 1.51 1.76 18.41
N PRO A 59 1.24 2.97 18.78
CA PRO A 59 0.48 3.03 19.99
C PRO A 59 -0.94 2.66 19.71
N SER A 60 -1.37 2.52 18.46
CA SER A 60 -2.78 2.22 18.52
C SER A 60 -3.12 0.79 18.15
N LYS A 61 -2.07 0.03 17.80
CA LYS A 61 -2.19 -1.35 17.40
C LYS A 61 -1.25 -2.30 18.13
N GLY A 62 -0.31 -1.75 18.89
CA GLY A 62 0.68 -2.52 19.61
C GLY A 62 1.60 -3.12 18.55
N VAL A 63 2.20 -4.28 18.80
CA VAL A 63 3.08 -4.92 17.83
C VAL A 63 2.28 -5.25 16.61
N ILE A 64 2.84 -4.71 15.56
CA ILE A 64 2.20 -4.86 14.29
C ILE A 64 2.85 -5.95 13.52
N ARG A 65 4.17 -6.06 13.65
CA ARG A 65 4.97 -7.05 12.94
C ARG A 65 5.95 -7.73 13.90
N ASP A 66 5.69 -8.97 14.38
CA ASP A 66 6.53 -9.73 15.34
C ASP A 66 7.89 -9.95 14.72
N ASP A 67 7.74 -10.43 13.47
CA ASP A 67 8.44 -10.75 12.18
C ASP A 67 9.28 -9.54 11.68
N PHE A 68 9.95 -8.82 12.59
CA PHE A 68 10.63 -7.58 12.19
C PHE A 68 12.07 -7.42 11.77
N ASP A 69 12.32 -7.31 10.46
CA ASP A 69 13.66 -7.09 9.95
C ASP A 69 13.82 -5.93 8.96
N PRO A 70 14.39 -4.85 9.47
CA PRO A 70 14.55 -3.62 8.71
C PRO A 70 15.24 -3.85 7.40
N ALA A 71 16.23 -4.72 7.48
CA ALA A 71 16.99 -4.93 6.25
C ALA A 71 16.17 -5.61 5.17
N ARG A 72 15.25 -6.44 5.66
CA ARG A 72 14.50 -7.14 4.65
C ARG A 72 13.40 -6.22 4.21
N ILE A 73 12.93 -5.39 5.12
CA ILE A 73 11.88 -4.51 4.64
C ILE A 73 12.45 -3.56 3.61
N ALA A 74 13.65 -3.09 3.96
CA ALA A 74 14.28 -2.13 3.10
C ALA A 74 14.43 -2.69 1.70
N ALA A 75 14.83 -3.96 1.61
CA ALA A 75 15.04 -4.64 0.34
C ALA A 75 13.85 -4.63 -0.62
N ILE A 76 12.64 -4.63 -0.07
CA ILE A 76 11.42 -4.62 -0.88
C ILE A 76 10.98 -3.18 -1.13
N TYR A 77 10.95 -2.42 -0.04
CA TYR A 77 10.52 -1.04 -0.18
C TYR A 77 11.34 -0.31 -1.23
N LYS A 78 12.62 -0.63 -1.37
CA LYS A 78 13.41 0.09 -2.36
C LYS A 78 12.89 -0.02 -3.78
N HIS A 79 12.10 -1.04 -4.09
CA HIS A 79 11.66 -1.07 -5.47
C HIS A 79 10.50 -0.11 -5.67
N TYR A 80 9.94 0.51 -4.65
CA TYR A 80 8.77 1.32 -4.94
C TYR A 80 8.72 2.66 -4.27
N ALA A 81 9.53 2.85 -3.21
CA ALA A 81 9.41 4.10 -2.50
C ALA A 81 10.06 5.35 -3.11
N SER A 82 9.59 6.55 -2.75
CA SER A 82 10.26 7.77 -3.16
C SER A 82 11.22 8.11 -2.02
N ALA A 83 10.83 7.79 -0.79
CA ALA A 83 11.58 7.96 0.44
C ALA A 83 11.22 6.86 1.43
N ILE A 84 12.08 6.60 2.39
CA ILE A 84 11.72 5.58 3.36
C ILE A 84 11.68 6.16 4.77
N SER A 85 10.60 5.96 5.52
CA SER A 85 10.45 6.45 6.88
C SER A 85 10.87 5.36 7.85
N VAL A 86 11.64 5.65 8.87
CA VAL A 86 12.05 4.63 9.82
C VAL A 86 11.69 5.18 11.15
N LEU A 87 10.83 4.49 11.89
CA LEU A 87 10.53 4.95 13.23
C LEU A 87 11.73 4.71 14.14
N THR A 88 12.04 5.68 14.99
CA THR A 88 13.12 5.51 15.92
C THR A 88 12.70 5.65 17.36
N ASP A 89 11.39 5.89 17.60
CA ASP A 89 10.88 5.91 18.97
C ASP A 89 10.88 4.42 19.39
N GLU A 90 11.38 4.20 20.59
CA GLU A 90 11.54 2.85 21.06
C GLU A 90 10.31 2.31 21.78
N LYS A 91 9.89 3.11 22.74
CA LYS A 91 8.82 2.74 23.63
C LYS A 91 7.47 2.57 23.01
N TYR A 92 7.06 3.50 22.17
CA TYR A 92 5.74 3.30 21.61
C TYR A 92 5.74 2.65 20.23
N PHE A 93 6.84 2.66 19.51
CA PHE A 93 6.84 2.13 18.15
C PHE A 93 7.85 1.05 18.02
N GLN A 94 8.56 0.82 19.12
CA GLN A 94 9.54 -0.22 18.97
C GLN A 94 10.51 -0.02 17.83
N GLY A 95 10.90 1.22 17.58
CA GLY A 95 11.90 1.40 16.56
C GLY A 95 13.24 1.58 17.29
N SER A 96 14.28 1.90 16.51
CA SER A 96 15.62 2.16 17.01
C SER A 96 16.44 3.06 16.07
N PHE A 97 17.20 3.97 16.63
CA PHE A 97 18.13 4.75 15.81
C PHE A 97 19.05 3.79 15.06
N ASN A 98 19.29 2.60 15.64
CA ASN A 98 20.16 1.70 14.88
C ASN A 98 19.61 1.16 13.60
N PHE A 99 18.29 1.33 13.39
CA PHE A 99 17.80 0.79 12.13
C PHE A 99 18.13 1.70 10.95
N LEU A 100 18.35 3.00 11.27
CA LEU A 100 18.63 3.88 10.14
C LEU A 100 19.73 3.45 9.21
N PRO A 101 20.92 3.13 9.77
CA PRO A 101 22.06 2.80 8.94
C PRO A 101 21.80 1.53 8.15
N ILE A 102 21.07 0.64 8.82
CA ILE A 102 20.74 -0.57 8.13
C ILE A 102 19.92 -0.33 6.88
N VAL A 103 18.82 0.42 7.06
CA VAL A 103 17.96 0.75 5.92
C VAL A 103 18.68 1.57 4.86
N SER A 104 19.49 2.52 5.34
CA SER A 104 20.27 3.38 4.43
C SER A 104 21.24 2.59 3.56
N GLN A 105 21.90 1.56 4.14
CA GLN A 105 22.84 0.76 3.35
C GLN A 105 22.16 -0.08 2.30
N ILE A 106 20.89 -0.37 2.53
CA ILE A 106 20.23 -1.19 1.52
C ILE A 106 19.43 -0.43 0.49
N ALA A 107 18.74 0.62 0.94
CA ALA A 107 17.95 1.36 -0.02
C ALA A 107 18.60 2.68 -0.34
N PRO A 108 18.52 3.10 -1.58
CA PRO A 108 19.16 4.36 -1.89
C PRO A 108 18.32 5.60 -1.70
N GLN A 109 17.03 5.52 -1.42
CA GLN A 109 16.25 6.73 -1.30
C GLN A 109 16.64 7.50 -0.05
N PRO A 110 16.14 8.73 0.13
CA PRO A 110 16.38 9.48 1.33
C PRO A 110 15.62 8.75 2.42
N ILE A 111 16.23 8.74 3.59
CA ILE A 111 15.68 8.05 4.75
C ILE A 111 15.21 9.06 5.74
N LEU A 112 13.94 8.98 6.13
CA LEU A 112 13.34 9.92 7.06
C LEU A 112 13.29 9.35 8.44
N CYS A 113 13.83 10.09 9.38
CA CYS A 113 13.76 9.65 10.76
C CYS A 113 12.39 10.05 11.29
N LYS A 114 11.56 9.08 11.70
CA LYS A 114 10.23 9.40 12.20
C LYS A 114 10.26 9.28 13.72
N ASP A 115 10.01 10.36 14.45
CA ASP A 115 10.12 10.31 15.91
C ASP A 115 9.54 11.56 16.51
N PHE A 116 9.56 11.79 17.83
CA PHE A 116 8.94 12.95 18.44
C PHE A 116 10.13 13.85 18.71
N ILE A 117 10.48 14.69 17.73
CA ILE A 117 11.67 15.54 17.85
C ILE A 117 11.40 16.79 18.65
N ILE A 118 12.03 16.90 19.82
CA ILE A 118 11.80 18.03 20.69
C ILE A 118 13.09 18.74 21.10
N ASP A 119 14.22 18.29 20.59
CA ASP A 119 15.47 18.86 21.08
C ASP A 119 16.50 18.74 19.97
N PRO A 120 17.28 19.78 19.73
CA PRO A 120 18.21 19.70 18.63
C PRO A 120 19.11 18.50 18.76
N TYR A 121 19.41 18.03 19.97
CA TYR A 121 20.27 16.86 20.08
C TYR A 121 19.78 15.72 19.20
N GLN A 122 18.45 15.54 19.13
CA GLN A 122 17.85 14.47 18.36
C GLN A 122 18.15 14.49 16.89
N ILE A 123 18.25 15.74 16.41
CA ILE A 123 18.57 15.94 15.02
C ILE A 123 20.02 15.54 14.72
N TYR A 124 20.98 16.02 15.49
CA TYR A 124 22.38 15.63 15.25
C TYR A 124 22.46 14.11 15.36
N LEU A 125 21.80 13.54 16.39
CA LEU A 125 21.87 12.07 16.49
C LEU A 125 21.30 11.39 15.26
N ALA A 126 20.19 11.92 14.74
CA ALA A 126 19.65 11.28 13.55
C ALA A 126 20.62 11.28 12.37
N ARG A 127 21.26 12.46 12.15
CA ARG A 127 22.20 12.68 11.06
C ARG A 127 23.39 11.70 11.28
N TYR A 128 23.80 11.62 12.55
CA TYR A 128 24.84 10.70 13.00
C TYR A 128 24.48 9.28 12.58
N TYR A 129 23.19 8.91 12.66
CA TYR A 129 22.78 7.58 12.23
C TYR A 129 22.39 7.46 10.78
N GLN A 130 22.74 8.44 9.96
CA GLN A 130 22.47 8.41 8.55
C GLN A 130 21.11 8.92 8.09
N ALA A 131 20.30 9.50 8.98
CA ALA A 131 19.02 9.96 8.45
C ALA A 131 19.16 11.12 7.47
N ASP A 132 18.30 11.28 6.46
CA ASP A 132 18.39 12.38 5.52
C ASP A 132 17.28 13.39 5.69
N ALA A 133 16.38 13.14 6.63
CA ALA A 133 15.25 14.00 6.89
C ALA A 133 14.69 13.64 8.22
N CYS A 134 13.97 14.56 8.81
CA CYS A 134 13.34 14.36 10.10
C CYS A 134 11.90 14.93 10.10
N LEU A 135 11.07 14.42 10.99
CA LEU A 135 9.72 14.89 11.11
C LEU A 135 9.69 15.93 12.20
N LEU A 136 9.00 17.03 11.99
CA LEU A 136 8.86 18.02 13.04
C LEU A 136 7.35 18.19 13.19
N MET A 137 6.78 18.21 14.38
CA MET A 137 5.33 18.25 14.50
C MET A 137 4.84 19.54 15.10
N LEU A 138 3.90 20.18 14.40
CA LEU A 138 3.40 21.43 14.94
C LEU A 138 2.52 21.15 16.12
N SER A 139 2.06 19.90 16.32
CA SER A 139 1.24 19.70 17.51
C SER A 139 2.12 19.68 18.77
N VAL A 140 3.41 19.52 18.60
CA VAL A 140 4.27 19.38 19.78
C VAL A 140 5.13 20.63 19.97
N LEU A 141 5.49 21.28 18.86
CA LEU A 141 6.37 22.45 18.87
C LEU A 141 5.71 23.81 18.64
N ASP A 142 6.19 24.82 19.37
CA ASP A 142 5.69 26.19 19.16
C ASP A 142 6.46 26.76 17.98
N ASP A 143 6.09 27.92 17.47
CA ASP A 143 6.79 28.48 16.32
C ASP A 143 8.28 28.70 16.54
N ASP A 144 8.74 29.18 17.69
CA ASP A 144 10.18 29.35 17.88
C ASP A 144 10.93 28.01 18.00
N GLN A 145 10.35 26.95 18.58
CA GLN A 145 11.12 25.71 18.62
C GLN A 145 11.23 25.08 17.25
N TYR A 146 10.17 25.34 16.50
CA TYR A 146 10.19 24.80 15.14
C TYR A 146 11.26 25.45 14.25
N ARG A 147 11.41 26.78 14.32
CA ARG A 147 12.39 27.45 13.48
C ARG A 147 13.80 26.96 13.75
N GLN A 148 14.01 26.91 15.00
N GLN A 148 14.14 26.82 15.07
CA GLN A 148 15.30 26.40 15.62
CA GLN A 148 15.50 26.32 15.64
C GLN A 148 15.59 24.98 15.19
C GLN A 148 15.64 24.92 15.21
N LEU A 149 14.63 24.06 15.35
CA LEU A 149 14.86 22.69 14.97
C LEU A 149 15.02 22.59 13.46
N ALA A 150 14.15 23.37 12.77
CA ALA A 150 14.31 23.28 11.32
C ALA A 150 15.63 23.88 10.86
N ALA A 151 16.10 24.93 11.52
CA ALA A 151 17.36 25.47 11.06
C ALA A 151 18.41 24.40 11.29
N VAL A 152 18.29 23.74 12.45
CA VAL A 152 19.28 22.68 12.65
C VAL A 152 19.27 21.63 11.55
N ALA A 153 18.10 21.15 11.09
CA ALA A 153 18.03 20.11 10.07
C ALA A 153 18.67 20.55 8.74
N HIS A 154 18.26 21.73 8.29
CA HIS A 154 18.71 22.38 7.08
C HIS A 154 20.23 22.60 7.10
N SER A 155 20.75 22.92 8.28
CA SER A 155 22.18 23.11 8.44
C SER A 155 22.89 21.82 8.17
N LEU A 156 22.17 20.71 8.24
CA LEU A 156 22.83 19.48 7.96
C LEU A 156 22.36 18.97 6.62
N GLU A 157 21.88 19.87 5.78
CA GLU A 157 21.33 19.55 4.47
C GLU A 157 20.27 18.46 4.61
N MET A 158 19.57 18.38 5.74
CA MET A 158 18.52 17.34 5.87
C MET A 158 17.16 17.92 5.53
N GLY A 159 16.22 17.17 4.98
CA GLY A 159 14.90 17.75 4.72
C GLY A 159 13.96 17.66 5.94
N VAL A 160 12.84 18.39 5.91
CA VAL A 160 11.94 18.33 7.01
C VAL A 160 10.52 17.99 6.54
N LEU A 161 9.83 17.11 7.25
CA LEU A 161 8.44 16.79 6.97
C LEU A 161 7.75 17.48 8.16
N THR A 162 7.00 18.54 7.82
CA THR A 162 6.29 19.33 8.80
C THR A 162 4.85 18.79 8.91
N GLU A 163 4.55 18.22 10.06
CA GLU A 163 3.32 17.55 10.32
C GLU A 163 2.26 18.41 10.92
N VAL A 164 1.06 18.38 10.33
CA VAL A 164 -0.01 19.16 10.96
C VAL A 164 -1.21 18.22 11.16
N SER A 165 -2.05 18.53 12.15
CA SER A 165 -3.17 17.66 12.44
C SER A 165 -4.47 18.38 12.52
N ASN A 166 -4.45 19.66 12.24
CA ASN A 166 -5.64 20.46 12.32
C ASN A 166 -5.43 21.79 11.64
N GLU A 167 -6.51 22.54 11.57
CA GLU A 167 -6.53 23.82 10.91
C GLU A 167 -5.56 24.84 11.46
N GLU A 168 -5.51 24.97 12.79
CA GLU A 168 -4.60 25.96 13.32
C GLU A 168 -3.14 25.68 12.91
N GLU A 169 -2.80 24.37 12.95
CA GLU A 169 -1.46 23.86 12.59
C GLU A 169 -1.14 24.12 11.13
N GLN A 170 -2.14 23.88 10.27
CA GLN A 170 -2.01 24.10 8.83
C GLN A 170 -1.71 25.58 8.52
N GLU A 171 -2.33 26.51 9.26
CA GLU A 171 -2.06 27.94 9.11
C GLU A 171 -0.64 28.33 9.49
N ARG A 172 -0.27 27.81 10.65
CA ARG A 172 1.09 27.98 11.13
C ARG A 172 2.06 27.46 10.05
N ALA A 173 1.73 26.31 9.46
CA ALA A 173 2.61 25.78 8.43
C ALA A 173 2.81 26.72 7.28
N ILE A 174 1.73 27.32 6.84
CA ILE A 174 1.90 28.22 5.72
C ILE A 174 2.80 29.37 6.12
N ALA A 175 2.49 29.89 7.30
CA ALA A 175 3.20 30.98 7.93
C ALA A 175 4.67 30.72 8.18
N LEU A 176 4.99 29.50 8.58
CA LEU A 176 6.39 29.17 8.87
C LEU A 176 7.13 28.87 7.59
N GLY A 177 6.39 28.78 6.49
CA GLY A 177 7.11 28.48 5.25
C GLY A 177 7.54 27.03 5.01
N ALA A 178 6.87 26.03 5.59
CA ALA A 178 7.29 24.64 5.39
C ALA A 178 7.14 24.22 3.95
N LYS A 179 8.16 23.54 3.45
CA LYS A 179 8.16 23.11 2.06
C LYS A 179 7.49 21.75 1.97
N VAL A 180 7.49 20.92 3.00
CA VAL A 180 6.82 19.61 2.80
C VAL A 180 5.83 19.45 3.93
N VAL A 181 4.52 19.47 3.71
CA VAL A 181 3.70 19.40 4.90
C VAL A 181 3.00 18.02 4.93
N GLY A 182 3.00 17.34 6.07
CA GLY A 182 2.33 16.05 6.06
C GLY A 182 1.03 16.25 6.83
N ILE A 183 -0.11 15.88 6.22
CA ILE A 183 -1.38 15.98 6.94
C ILE A 183 -1.59 14.65 7.71
N ASN A 184 -1.65 14.70 9.04
CA ASN A 184 -1.80 13.41 9.69
C ASN A 184 -3.30 13.15 9.89
N ASN A 185 -3.84 12.17 9.18
CA ASN A 185 -5.26 11.86 9.36
C ASN A 185 -5.52 11.23 10.72
N ARG A 186 -4.45 10.82 11.40
CA ARG A 186 -4.68 10.34 12.74
C ARG A 186 -4.33 11.40 13.80
N ASP A 187 -5.23 11.70 14.73
CA ASP A 187 -4.88 12.66 15.76
C ASP A 187 -4.32 11.96 16.99
N LEU A 188 -3.04 12.11 17.26
CA LEU A 188 -2.38 11.45 18.37
C LEU A 188 -2.91 11.95 19.70
N ARG A 189 -3.71 13.00 19.75
CA ARG A 189 -4.21 13.30 21.08
C ARG A 189 -5.21 12.19 21.48
N ASP A 190 -6.05 11.75 20.54
CA ASP A 190 -7.03 10.73 20.86
C ASP A 190 -7.09 9.48 20.00
N LEU A 191 -6.12 9.28 19.10
CA LEU A 191 -5.95 8.11 18.24
C LEU A 191 -6.98 7.94 17.15
N SER A 192 -7.89 8.89 17.10
CA SER A 192 -8.92 8.84 16.07
C SER A 192 -8.38 9.15 14.68
N ILE A 193 -8.99 8.54 13.69
CA ILE A 193 -8.58 8.68 12.30
C ILE A 193 -9.67 9.30 11.46
N ASP A 194 -9.36 10.24 10.60
CA ASP A 194 -10.39 10.81 9.74
C ASP A 194 -9.76 11.35 8.49
N LEU A 195 -9.94 10.65 7.37
CA LEU A 195 -9.40 11.06 6.10
C LEU A 195 -9.81 12.43 5.62
N ASN A 196 -10.85 12.97 6.23
CA ASN A 196 -11.31 14.26 5.83
C ASN A 196 -10.31 15.35 6.18
N ARG A 197 -9.37 15.03 7.06
N ARG A 197 -9.37 15.03 7.06
CA ARG A 197 -8.37 16.02 7.44
CA ARG A 197 -8.37 16.02 7.44
C ARG A 197 -7.59 16.43 6.23
C ARG A 197 -7.59 16.43 6.23
N THR A 198 -7.35 15.40 5.48
CA THR A 198 -6.64 15.56 4.25
C THR A 198 -7.52 16.25 3.26
N ARG A 199 -8.75 15.74 3.14
CA ARG A 199 -9.64 16.36 2.12
C ARG A 199 -9.85 17.87 2.30
N GLU A 200 -10.02 18.27 3.56
CA GLU A 200 -10.27 19.65 3.88
C GLU A 200 -9.04 20.54 3.98
N LEU A 201 -7.95 19.97 4.46
CA LEU A 201 -6.73 20.73 4.72
C LEU A 201 -5.72 20.79 3.62
N ALA A 202 -5.61 19.73 2.82
CA ALA A 202 -4.60 19.76 1.78
C ALA A 202 -4.73 20.90 0.78
N PRO A 203 -5.91 21.14 0.23
CA PRO A 203 -6.09 22.18 -0.76
C PRO A 203 -5.66 23.58 -0.29
N LYS A 204 -5.83 23.93 0.99
CA LYS A 204 -5.40 25.25 1.34
C LYS A 204 -3.88 25.40 1.22
N LEU A 205 -3.15 24.29 1.28
CA LEU A 205 -1.71 24.41 1.22
C LEU A 205 -1.19 25.03 -0.02
N GLY A 206 -1.77 24.74 -1.18
CA GLY A 206 -1.13 25.50 -2.24
C GLY A 206 -0.03 24.81 -3.00
N HIS A 207 0.03 25.22 -4.26
CA HIS A 207 0.92 24.64 -5.25
C HIS A 207 2.38 24.67 -4.92
N ASN A 208 2.81 25.54 -4.02
CA ASN A 208 4.24 25.54 -3.75
C ASN A 208 4.72 24.57 -2.68
N VAL A 209 3.76 24.00 -1.95
CA VAL A 209 4.02 23.11 -0.87
C VAL A 209 3.77 21.70 -1.33
N THR A 210 4.67 20.77 -1.01
CA THR A 210 4.47 19.39 -1.30
C THR A 210 3.65 18.88 -0.12
N VAL A 211 2.46 18.35 -0.43
CA VAL A 211 1.61 17.87 0.63
C VAL A 211 1.63 16.33 0.73
N ILE A 212 1.85 15.79 1.91
CA ILE A 212 1.89 14.32 2.02
C ILE A 212 0.71 13.89 2.88
N SER A 213 -0.07 12.88 2.54
CA SER A 213 -1.19 12.50 3.39
C SER A 213 -0.71 11.32 4.22
N GLU A 214 -0.89 11.39 5.54
CA GLU A 214 -0.43 10.29 6.38
C GLU A 214 -1.55 9.63 7.17
N SER A 215 -1.45 8.29 7.25
CA SER A 215 -2.28 7.38 8.04
C SER A 215 -3.64 7.02 7.54
N GLY A 216 -3.97 5.75 7.70
CA GLY A 216 -5.31 5.33 7.42
C GLY A 216 -5.52 5.06 5.96
N ILE A 217 -4.41 5.04 5.23
CA ILE A 217 -4.51 4.81 3.81
C ILE A 217 -4.30 3.33 3.56
N ASN A 218 -5.39 2.66 3.22
CA ASN A 218 -5.29 1.21 3.04
C ASN A 218 -5.55 0.66 1.65
N THR A 219 -6.31 1.37 0.80
CA THR A 219 -6.57 0.83 -0.52
C THR A 219 -6.15 1.70 -1.66
N TYR A 220 -6.01 1.02 -2.81
CA TYR A 220 -5.66 1.67 -4.04
C TYR A 220 -6.75 2.71 -4.36
N ALA A 221 -8.03 2.43 -4.13
CA ALA A 221 -9.07 3.40 -4.43
C ALA A 221 -8.89 4.64 -3.58
N GLN A 222 -8.51 4.45 -2.32
CA GLN A 222 -8.30 5.60 -1.50
C GLN A 222 -7.10 6.36 -2.03
N VAL A 223 -6.07 5.65 -2.44
CA VAL A 223 -4.91 6.35 -3.00
C VAL A 223 -5.36 7.14 -4.27
N ARG A 224 -6.20 6.61 -5.19
CA ARG A 224 -6.54 7.36 -6.41
C ARG A 224 -7.35 8.58 -6.11
N GLU A 225 -8.22 8.43 -5.14
CA GLU A 225 -9.03 9.55 -4.76
C GLU A 225 -8.23 10.68 -4.12
N LEU A 226 -7.43 10.34 -3.11
CA LEU A 226 -6.71 11.33 -2.33
C LEU A 226 -5.55 12.00 -3.05
N SER A 227 -5.12 11.36 -4.11
CA SER A 227 -4.03 11.89 -4.88
C SER A 227 -4.52 13.20 -5.51
N HIS A 228 -5.79 13.52 -5.52
CA HIS A 228 -6.22 14.80 -6.10
C HIS A 228 -6.18 15.82 -5.02
N PHE A 229 -5.87 15.37 -3.81
CA PHE A 229 -5.75 16.35 -2.75
C PHE A 229 -4.32 16.54 -2.32
N ALA A 230 -3.56 15.46 -2.45
CA ALA A 230 -2.20 15.48 -1.96
C ALA A 230 -1.19 15.09 -2.97
N ASN A 231 0.07 15.44 -2.73
CA ASN A 231 1.06 15.03 -3.72
C ASN A 231 1.67 13.68 -3.41
N GLY A 232 1.41 13.10 -2.25
CA GLY A 232 1.98 11.83 -1.83
C GLY A 232 1.41 11.30 -0.52
N PHE A 233 1.85 10.07 -0.20
CA PHE A 233 1.39 9.33 0.98
C PHE A 233 2.50 8.71 1.81
N LEU A 234 2.32 8.71 3.13
CA LEU A 234 3.23 8.03 4.04
C LEU A 234 2.35 6.86 4.52
N ILE A 235 2.71 5.60 4.29
CA ILE A 235 1.91 4.42 4.58
C ILE A 235 2.80 3.44 5.30
N GLY A 236 2.27 2.76 6.29
CA GLY A 236 3.12 1.83 6.99
C GLY A 236 2.35 0.63 7.52
N SER A 237 1.42 0.84 8.46
CA SER A 237 0.67 -0.26 9.03
C SER A 237 0.09 -1.22 8.01
N ALA A 238 -0.70 -0.68 7.11
CA ALA A 238 -1.29 -1.50 6.07
C ALA A 238 -0.29 -2.42 5.40
N LEU A 239 0.99 -2.11 5.48
CA LEU A 239 1.97 -2.94 4.80
C LEU A 239 2.65 -3.87 5.80
N MET A 240 2.95 -3.31 6.98
CA MET A 240 3.67 -4.02 8.02
C MET A 240 2.93 -5.26 8.52
N ALA A 241 1.60 -5.17 8.49
CA ALA A 241 0.73 -6.22 8.99
C ALA A 241 0.66 -7.40 8.07
N HIS A 242 1.44 -7.38 7.00
CA HIS A 242 1.36 -8.50 6.09
C HIS A 242 2.69 -9.21 5.95
N ASP A 243 2.55 -10.53 5.89
CA ASP A 243 3.72 -11.37 5.72
C ASP A 243 4.43 -11.03 4.41
N ASP A 244 3.69 -11.14 3.29
CA ASP A 244 4.18 -10.86 1.95
C ASP A 244 4.19 -9.34 1.69
N LEU A 245 5.35 -8.69 1.78
CA LEU A 245 5.52 -7.25 1.66
C LEU A 245 5.34 -6.77 0.26
N HIS A 246 5.96 -7.52 -0.63
CA HIS A 246 5.77 -7.17 -2.03
C HIS A 246 4.27 -7.08 -2.33
N ALA A 247 3.52 -8.14 -1.98
CA ALA A 247 2.09 -8.16 -2.21
C ALA A 247 1.35 -7.01 -1.57
N ALA A 248 1.64 -6.77 -0.30
CA ALA A 248 1.00 -5.68 0.41
C ALA A 248 1.24 -4.33 -0.26
N VAL A 249 2.46 -4.14 -0.75
CA VAL A 249 2.84 -2.90 -1.40
C VAL A 249 2.02 -2.70 -2.63
N ARG A 250 2.15 -3.67 -3.53
CA ARG A 250 1.44 -3.62 -4.78
C ARG A 250 -0.05 -3.50 -4.61
N ARG A 251 -0.61 -4.04 -3.52
CA ARG A 251 -2.05 -3.96 -3.33
C ARG A 251 -2.49 -2.51 -3.18
N VAL A 252 -1.69 -1.74 -2.46
CA VAL A 252 -2.10 -0.38 -2.24
C VAL A 252 -1.69 0.54 -3.40
N LEU A 253 -0.52 0.29 -3.97
CA LEU A 253 -0.01 1.14 -5.02
C LEU A 253 -0.57 0.88 -6.37
N LEU A 254 -1.02 -0.35 -6.57
CA LEU A 254 -1.52 -0.71 -7.92
C LEU A 254 -2.96 -1.26 -7.94
N GLY A 255 -3.49 -1.75 -6.81
CA GLY A 255 -4.82 -2.35 -6.70
C GLY A 255 -4.63 -3.86 -6.61
N GLU A 256 -5.72 -4.59 -6.32
CA GLU A 256 -5.68 -6.06 -6.23
C GLU A 256 -5.94 -6.62 -7.61
N ASN A 257 -4.91 -6.49 -8.46
CA ASN A 257 -5.08 -6.99 -9.80
C ASN A 257 -4.74 -8.47 -9.91
N LYS A 258 -5.46 -8.99 -10.91
CA LYS A 258 -5.44 -10.38 -11.30
C LYS A 258 -5.17 -10.49 -12.78
N VAL A 259 -4.34 -11.46 -13.13
CA VAL A 259 -4.10 -11.78 -14.53
C VAL A 259 -4.68 -13.19 -14.69
N CYS A 260 -5.81 -13.27 -15.38
CA CYS A 260 -6.52 -14.52 -15.51
C CYS A 260 -6.09 -15.40 -16.69
N GLY A 261 -6.44 -16.69 -16.67
CA GLY A 261 -6.17 -17.63 -17.73
C GLY A 261 -4.71 -17.93 -18.05
N LEU A 262 -3.91 -18.10 -17.00
CA LEU A 262 -2.48 -18.44 -17.10
C LEU A 262 -2.34 -19.88 -17.51
N THR A 263 -1.52 -20.13 -18.52
CA THR A 263 -1.28 -21.50 -18.97
C THR A 263 0.19 -21.87 -19.08
N ARG A 264 1.10 -20.95 -18.78
CA ARG A 264 2.53 -21.15 -18.80
C ARG A 264 3.16 -20.47 -17.58
N GLY A 265 4.19 -21.04 -16.97
CA GLY A 265 4.88 -20.45 -15.84
C GLY A 265 5.55 -19.10 -16.14
N GLN A 266 6.07 -18.94 -17.36
CA GLN A 266 6.71 -17.69 -17.74
C GLN A 266 5.78 -16.49 -17.69
N ASP A 267 4.53 -16.75 -18.07
CA ASP A 267 3.48 -15.75 -18.05
C ASP A 267 3.11 -15.41 -16.62
N ALA A 268 3.05 -16.44 -15.80
CA ALA A 268 2.76 -16.17 -14.41
C ALA A 268 3.87 -15.29 -13.86
N LYS A 269 5.10 -15.57 -14.27
CA LYS A 269 6.25 -14.82 -13.78
C LYS A 269 6.17 -13.37 -14.24
N ALA A 270 5.88 -13.31 -15.53
CA ALA A 270 5.71 -12.02 -16.16
C ALA A 270 4.72 -11.17 -15.39
N ALA A 271 3.56 -11.75 -15.06
CA ALA A 271 2.48 -11.11 -14.30
C ALA A 271 2.94 -10.65 -12.92
N TYR A 272 3.62 -11.56 -12.24
CA TYR A 272 4.14 -11.26 -10.93
C TYR A 272 5.13 -10.08 -10.93
N ASP A 273 6.03 -10.11 -11.91
CA ASP A 273 7.05 -9.07 -12.04
C ASP A 273 6.45 -7.74 -12.35
N ALA A 274 5.37 -7.78 -13.10
CA ALA A 274 4.72 -6.53 -13.44
C ALA A 274 3.96 -5.92 -12.29
N GLY A 275 3.67 -6.77 -11.29
CA GLY A 275 2.96 -6.25 -10.14
C GLY A 275 1.61 -6.87 -9.83
N ALA A 276 1.15 -7.84 -10.60
CA ALA A 276 -0.12 -8.47 -10.29
C ALA A 276 -0.12 -9.18 -8.96
N ILE A 277 -1.27 -9.17 -8.27
CA ILE A 277 -1.48 -9.80 -6.98
C ILE A 277 -1.97 -11.23 -7.24
N TYR A 278 -2.96 -11.42 -8.11
CA TYR A 278 -3.51 -12.73 -8.36
C TYR A 278 -3.21 -13.29 -9.74
N GLY A 279 -3.15 -14.61 -9.79
CA GLY A 279 -2.98 -15.31 -11.04
C GLY A 279 -4.20 -16.26 -11.12
N GLY A 280 -4.94 -16.27 -12.23
CA GLY A 280 -6.11 -17.11 -12.43
C GLY A 280 -5.81 -18.42 -13.20
N LEU A 281 -6.29 -19.57 -12.72
CA LEU A 281 -6.10 -20.85 -13.39
C LEU A 281 -7.50 -21.32 -13.77
N ILE A 282 -7.74 -21.54 -15.03
CA ILE A 282 -9.08 -21.87 -15.47
C ILE A 282 -9.31 -23.35 -15.66
N PHE A 283 -10.17 -23.93 -14.80
CA PHE A 283 -10.58 -25.34 -14.78
C PHE A 283 -11.89 -25.57 -15.49
N VAL A 284 -12.27 -24.63 -16.32
CA VAL A 284 -13.51 -24.90 -16.99
C VAL A 284 -13.17 -25.60 -18.28
N ALA A 285 -13.56 -26.86 -18.39
CA ALA A 285 -13.34 -27.74 -19.54
C ALA A 285 -13.50 -27.10 -20.93
N THR A 286 -14.49 -26.21 -21.03
CA THR A 286 -14.86 -25.47 -22.23
C THR A 286 -13.81 -24.50 -22.74
N SER A 287 -13.06 -23.94 -21.80
CA SER A 287 -12.03 -22.96 -22.07
C SER A 287 -10.85 -23.45 -22.90
N PRO A 288 -10.47 -22.56 -23.82
CA PRO A 288 -9.31 -22.81 -24.63
C PRO A 288 -8.11 -22.59 -23.72
N ARG A 289 -8.37 -21.88 -22.62
CA ARG A 289 -7.40 -21.52 -21.60
C ARG A 289 -7.43 -22.52 -20.45
N CYS A 290 -8.13 -23.63 -20.62
CA CYS A 290 -8.22 -24.58 -19.53
C CYS A 290 -6.90 -25.25 -19.16
N VAL A 291 -6.69 -25.60 -17.87
CA VAL A 291 -5.49 -26.28 -17.41
C VAL A 291 -5.85 -27.53 -16.61
N ASN A 292 -4.92 -28.45 -16.43
CA ASN A 292 -5.21 -29.60 -15.60
C ASN A 292 -4.34 -29.44 -14.39
N VAL A 293 -4.44 -30.37 -13.45
CA VAL A 293 -3.69 -30.19 -12.23
C VAL A 293 -2.18 -30.14 -12.38
N GLU A 294 -1.61 -30.98 -13.25
CA GLU A 294 -0.17 -31.00 -13.44
C GLU A 294 0.31 -29.68 -14.04
N GLN A 295 -0.38 -29.30 -15.13
CA GLN A 295 -0.09 -28.09 -15.85
C GLN A 295 -0.18 -26.90 -14.90
N ALA A 296 -1.16 -26.96 -14.00
CA ALA A 296 -1.31 -25.91 -13.00
C ALA A 296 -0.14 -25.88 -12.07
N GLN A 297 0.25 -27.07 -11.64
CA GLN A 297 1.36 -27.17 -10.72
C GLN A 297 2.62 -26.51 -11.28
N GLU A 298 2.72 -26.57 -12.60
CA GLU A 298 3.87 -26.04 -13.33
C GLU A 298 3.85 -24.53 -13.36
N VAL A 299 2.68 -23.98 -13.60
CA VAL A 299 2.50 -22.54 -13.75
C VAL A 299 2.75 -21.93 -12.40
N MET A 300 2.20 -22.63 -11.47
CA MET A 300 2.26 -22.08 -10.15
C MET A 300 3.65 -21.98 -9.61
N ALA A 301 4.52 -22.87 -10.04
CA ALA A 301 5.82 -22.84 -9.41
C ALA A 301 6.69 -21.72 -9.93
N ALA A 302 6.31 -21.13 -11.05
CA ALA A 302 7.13 -20.04 -11.60
C ALA A 302 7.01 -18.74 -10.82
N ALA A 303 5.95 -18.52 -10.01
CA ALA A 303 5.89 -17.24 -9.32
C ALA A 303 5.00 -17.29 -8.12
N PRO A 304 5.36 -16.55 -7.10
CA PRO A 304 4.61 -16.55 -5.87
C PRO A 304 3.31 -15.73 -5.88
N LEU A 305 2.50 -15.91 -6.91
CA LEU A 305 1.26 -15.15 -6.90
C LEU A 305 0.26 -15.81 -5.99
N GLN A 306 -0.92 -15.22 -5.84
CA GLN A 306 -1.95 -15.89 -5.11
C GLN A 306 -2.88 -16.48 -6.14
N TYR A 307 -2.90 -17.81 -6.25
CA TYR A 307 -3.65 -18.35 -7.34
C TYR A 307 -5.13 -18.56 -7.08
N VAL A 308 -5.85 -18.24 -8.14
CA VAL A 308 -7.29 -18.38 -8.04
C VAL A 308 -7.78 -19.43 -9.03
N GLY A 309 -8.56 -20.43 -8.56
CA GLY A 309 -9.02 -21.46 -9.51
C GLY A 309 -10.41 -21.07 -10.00
N VAL A 310 -10.64 -21.14 -11.31
CA VAL A 310 -11.88 -20.70 -11.91
C VAL A 310 -12.65 -21.94 -12.34
N PHE A 311 -13.86 -21.99 -11.79
CA PHE A 311 -14.77 -23.09 -12.03
C PHE A 311 -16.11 -22.58 -12.50
N ARG A 312 -16.79 -23.49 -13.18
CA ARG A 312 -18.12 -23.25 -13.69
C ARG A 312 -19.07 -24.40 -13.33
N ASN A 313 -19.95 -24.23 -12.35
CA ASN A 313 -20.97 -25.20 -11.93
C ASN A 313 -20.32 -26.53 -11.78
N HIS A 314 -19.17 -26.53 -11.14
CA HIS A 314 -18.36 -27.72 -10.99
C HIS A 314 -18.67 -28.57 -9.79
N ASP A 315 -18.37 -29.86 -9.84
CA ASP A 315 -18.63 -30.67 -8.66
C ASP A 315 -17.90 -30.20 -7.41
N ILE A 316 -18.65 -30.03 -6.35
CA ILE A 316 -17.99 -29.61 -5.14
C ILE A 316 -16.77 -30.41 -4.73
N ALA A 317 -16.85 -31.74 -4.66
CA ALA A 317 -15.71 -32.56 -4.25
C ALA A 317 -14.42 -32.21 -4.98
N ASP A 318 -14.54 -32.15 -6.30
CA ASP A 318 -13.47 -31.81 -7.18
C ASP A 318 -12.96 -30.39 -6.95
N VAL A 319 -13.85 -29.41 -6.76
CA VAL A 319 -13.43 -28.05 -6.47
C VAL A 319 -12.61 -28.18 -5.18
N VAL A 320 -13.07 -28.91 -4.19
CA VAL A 320 -12.35 -28.89 -2.94
C VAL A 320 -10.97 -29.50 -3.13
N ASP A 321 -10.98 -30.59 -3.86
CA ASP A 321 -9.76 -31.33 -4.11
C ASP A 321 -8.64 -30.50 -4.75
N LYS A 322 -9.02 -29.81 -5.82
CA LYS A 322 -8.11 -28.95 -6.54
C LYS A 322 -7.64 -27.87 -5.60
N ALA A 323 -8.54 -27.39 -4.75
CA ALA A 323 -8.09 -26.39 -3.81
C ALA A 323 -6.98 -26.92 -2.91
N LYS A 324 -7.20 -28.11 -2.34
N LYS A 324 -7.20 -28.11 -2.34
CA LYS A 324 -6.24 -28.70 -1.42
CA LYS A 324 -6.24 -28.70 -1.41
C LYS A 324 -4.92 -29.03 -2.08
C LYS A 324 -4.92 -29.04 -2.08
N VAL A 325 -5.04 -29.75 -3.20
CA VAL A 325 -3.86 -30.13 -3.94
C VAL A 325 -3.07 -28.95 -4.48
N LEU A 326 -3.71 -27.99 -5.15
CA LEU A 326 -2.94 -26.88 -5.70
C LEU A 326 -2.61 -25.81 -4.66
N SER A 327 -3.21 -25.89 -3.48
CA SER A 327 -3.01 -24.82 -2.53
C SER A 327 -3.47 -23.45 -3.05
N LEU A 328 -4.65 -23.43 -3.67
CA LEU A 328 -5.28 -22.23 -4.17
C LEU A 328 -5.61 -21.22 -3.08
N ALA A 329 -5.50 -19.94 -3.35
CA ALA A 329 -5.83 -18.94 -2.37
C ALA A 329 -7.33 -18.68 -2.40
N ALA A 330 -7.92 -18.89 -3.57
CA ALA A 330 -9.34 -18.68 -3.73
C ALA A 330 -9.86 -19.52 -4.91
N VAL A 331 -11.19 -19.67 -4.89
CA VAL A 331 -11.94 -20.33 -5.94
C VAL A 331 -12.96 -19.35 -6.47
N GLN A 332 -13.02 -19.23 -7.79
CA GLN A 332 -13.91 -18.28 -8.40
C GLN A 332 -15.01 -19.04 -9.10
N LEU A 333 -16.23 -18.82 -8.65
CA LEU A 333 -17.41 -19.46 -9.22
C LEU A 333 -17.95 -18.66 -10.38
N HIS A 334 -17.75 -19.20 -11.56
CA HIS A 334 -18.13 -18.48 -12.76
C HIS A 334 -19.35 -19.02 -13.49
N GLY A 335 -20.16 -19.83 -12.82
CA GLY A 335 -21.33 -20.35 -13.53
C GLY A 335 -22.57 -19.76 -12.90
N ASN A 336 -23.57 -20.54 -12.48
CA ASN A 336 -24.72 -19.96 -11.83
C ASN A 336 -24.97 -20.44 -10.40
N GLU A 337 -23.90 -20.74 -9.66
CA GLU A 337 -23.88 -21.20 -8.30
C GLU A 337 -24.75 -20.27 -7.48
N GLU A 338 -25.77 -20.83 -6.82
CA GLU A 338 -26.75 -20.13 -6.04
C GLU A 338 -26.29 -20.32 -4.61
N GLN A 339 -27.00 -19.69 -3.67
CA GLN A 339 -26.57 -19.74 -2.31
C GLN A 339 -26.34 -21.10 -1.69
N LEU A 340 -27.25 -22.06 -1.98
CA LEU A 340 -27.11 -23.38 -1.37
C LEU A 340 -25.76 -24.02 -1.70
N TYR A 341 -25.35 -23.87 -2.97
CA TYR A 341 -24.08 -24.40 -3.39
C TYR A 341 -22.96 -23.71 -2.65
N ILE A 342 -23.06 -22.38 -2.58
CA ILE A 342 -22.02 -21.59 -1.95
C ILE A 342 -21.86 -22.05 -0.52
N ASP A 343 -23.00 -22.24 0.07
CA ASP A 343 -22.98 -22.66 1.47
C ASP A 343 -22.31 -24.00 1.71
N THR A 344 -22.61 -24.93 0.82
CA THR A 344 -22.09 -26.29 0.98
C THR A 344 -20.62 -26.31 0.69
N LEU A 345 -20.33 -25.51 -0.34
CA LEU A 345 -18.95 -25.38 -0.75
C LEU A 345 -18.16 -24.79 0.40
N ARG A 346 -18.78 -23.74 0.95
CA ARG A 346 -18.08 -23.10 2.05
C ARG A 346 -17.83 -24.11 3.15
N GLU A 347 -18.89 -24.87 3.49
CA GLU A 347 -18.84 -25.89 4.54
C GLU A 347 -17.70 -26.86 4.22
N ALA A 348 -17.53 -27.22 2.95
CA ALA A 348 -16.48 -28.18 2.59
C ALA A 348 -15.05 -27.77 2.35
N LEU A 349 -14.82 -26.53 1.95
CA LEU A 349 -13.48 -26.02 1.70
C LEU A 349 -12.81 -25.57 2.99
N PRO A 350 -11.53 -25.81 3.04
CA PRO A 350 -10.73 -25.36 4.16
C PRO A 350 -10.91 -23.86 4.30
N ALA A 351 -11.06 -23.39 5.53
CA ALA A 351 -11.27 -21.98 5.81
C ALA A 351 -10.28 -20.99 5.21
N HIS A 352 -9.01 -21.34 4.94
CA HIS A 352 -8.11 -20.34 4.36
C HIS A 352 -8.43 -20.02 2.90
N VAL A 353 -9.18 -20.89 2.23
CA VAL A 353 -9.51 -20.64 0.83
C VAL A 353 -10.69 -19.66 0.68
N ALA A 354 -10.50 -18.54 0.00
CA ALA A 354 -11.63 -17.64 -0.18
C ALA A 354 -12.61 -18.09 -1.28
N ILE A 355 -13.83 -17.56 -1.26
CA ILE A 355 -14.77 -17.86 -2.32
C ILE A 355 -15.10 -16.58 -3.07
N TRP A 356 -14.92 -16.56 -4.37
CA TRP A 356 -15.24 -15.41 -5.18
C TRP A 356 -16.39 -15.81 -6.09
N LYS A 357 -17.23 -14.87 -6.45
CA LYS A 357 -18.35 -15.04 -7.36
C LYS A 357 -18.23 -14.11 -8.57
N ALA A 358 -18.27 -14.65 -9.79
CA ALA A 358 -18.23 -13.81 -10.97
C ALA A 358 -19.66 -13.53 -11.37
N LEU A 359 -19.99 -12.34 -11.87
CA LEU A 359 -21.36 -12.04 -12.23
C LEU A 359 -21.28 -11.21 -13.47
N SER A 360 -22.26 -11.44 -14.32
CA SER A 360 -22.34 -10.78 -15.59
C SER A 360 -23.31 -9.62 -15.50
N VAL A 361 -22.88 -8.52 -16.11
CA VAL A 361 -23.60 -7.28 -16.09
C VAL A 361 -24.24 -7.02 -17.45
N GLY A 362 -25.57 -6.93 -17.44
CA GLY A 362 -26.33 -6.64 -18.64
C GLY A 362 -26.66 -5.15 -18.69
N GLU A 363 -27.95 -4.81 -18.82
CA GLU A 363 -28.31 -3.41 -18.85
C GLU A 363 -28.39 -2.91 -17.43
N THR A 364 -28.46 -3.91 -16.58
CA THR A 364 -28.56 -3.70 -15.14
C THR A 364 -27.46 -4.55 -14.50
N LEU A 365 -27.04 -4.20 -13.28
CA LEU A 365 -26.01 -4.89 -12.52
C LEU A 365 -26.62 -5.90 -11.58
N PRO A 366 -26.13 -7.12 -11.55
CA PRO A 366 -26.74 -7.97 -10.54
C PRO A 366 -26.30 -7.51 -9.16
N ALA A 367 -27.08 -7.97 -8.17
CA ALA A 367 -26.90 -7.70 -6.77
C ALA A 367 -25.83 -8.63 -6.23
N ARG A 368 -25.23 -8.20 -5.13
CA ARG A 368 -24.17 -8.94 -4.49
C ARG A 368 -24.63 -9.18 -3.07
N GLU A 369 -25.63 -10.05 -3.01
CA GLU A 369 -26.27 -10.39 -1.75
C GLU A 369 -25.81 -11.67 -1.08
N PHE A 370 -25.07 -12.50 -1.80
N PHE A 370 -25.07 -12.50 -1.80
CA PHE A 370 -24.59 -13.76 -1.26
CA PHE A 370 -24.58 -13.77 -1.28
C PHE A 370 -23.87 -13.76 0.07
C PHE A 370 -23.87 -13.77 0.06
N GLN A 371 -24.09 -14.83 0.82
CA GLN A 371 -23.41 -15.03 2.10
C GLN A 371 -22.16 -15.88 1.73
N HIS A 372 -21.10 -15.73 2.51
CA HIS A 372 -19.88 -16.49 2.30
C HIS A 372 -19.13 -16.09 1.05
N VAL A 373 -19.43 -14.98 0.37
CA VAL A 373 -18.64 -14.63 -0.78
C VAL A 373 -17.71 -13.48 -0.38
N ASP A 374 -16.43 -13.69 -0.44
CA ASP A 374 -15.45 -12.71 -0.03
C ASP A 374 -15.17 -11.65 -1.10
N LYS A 375 -15.35 -11.96 -2.37
CA LYS A 375 -15.02 -11.02 -3.44
C LYS A 375 -15.85 -11.25 -4.69
N TYR A 376 -16.14 -10.19 -5.45
CA TYR A 376 -16.89 -10.40 -6.67
C TYR A 376 -16.14 -9.94 -7.92
N VAL A 377 -16.37 -10.66 -9.02
CA VAL A 377 -15.75 -10.33 -10.30
C VAL A 377 -16.87 -9.94 -11.24
N LEU A 378 -16.94 -8.66 -11.59
CA LEU A 378 -18.01 -8.16 -12.44
C LEU A 378 -17.49 -8.07 -13.84
N ASP A 379 -18.24 -8.62 -14.79
CA ASP A 379 -17.74 -8.55 -16.14
C ASP A 379 -18.89 -8.66 -17.13
N ASN A 380 -18.61 -8.58 -18.43
CA ASN A 380 -19.50 -8.70 -19.58
C ASN A 380 -18.89 -10.03 -19.90
N GLY A 381 -19.66 -10.99 -19.40
CA GLY A 381 -19.28 -12.38 -19.29
C GLY A 381 -19.31 -13.38 -20.43
N GLN A 382 -19.41 -14.60 -19.91
CA GLN A 382 -19.44 -15.80 -20.74
C GLN A 382 -18.07 -15.76 -21.43
N GLY A 383 -17.11 -15.49 -20.53
CA GLY A 383 -15.72 -15.34 -20.86
C GLY A 383 -15.64 -14.04 -21.63
N GLY A 384 -15.94 -14.22 -22.91
CA GLY A 384 -15.81 -13.17 -23.89
C GLY A 384 -14.33 -13.39 -24.17
N SER A 385 -13.88 -13.07 -25.35
CA SER A 385 -12.47 -13.21 -25.63
C SER A 385 -12.40 -11.77 -26.10
N GLY A 386 -13.49 -11.13 -25.61
CA GLY A 386 -13.95 -9.77 -25.83
C GLY A 386 -14.21 -8.74 -24.72
N GLN A 387 -14.75 -7.67 -25.33
CA GLN A 387 -15.04 -6.26 -25.14
C GLN A 387 -16.20 -5.48 -24.47
N ARG A 388 -16.10 -5.10 -23.17
CA ARG A 388 -16.81 -4.25 -22.19
C ARG A 388 -18.28 -3.87 -21.90
N PHE A 389 -18.59 -3.78 -20.59
CA PHE A 389 -19.87 -3.38 -19.98
C PHE A 389 -20.01 -1.91 -19.57
N ASP A 390 -21.22 -1.41 -19.30
CA ASP A 390 -21.43 -0.02 -18.94
C ASP A 390 -20.94 0.37 -17.55
N TRP A 391 -19.74 0.96 -17.50
CA TRP A 391 -19.16 1.39 -16.23
C TRP A 391 -19.91 2.44 -15.48
N SER A 392 -20.89 3.14 -16.09
CA SER A 392 -21.62 4.18 -15.36
C SER A 392 -22.54 3.52 -14.35
N LEU A 393 -22.72 2.24 -14.62
CA LEU A 393 -23.56 1.42 -13.77
C LEU A 393 -22.96 1.27 -12.36
N LEU A 394 -21.66 1.46 -12.22
CA LEU A 394 -21.07 1.22 -10.93
C LEU A 394 -21.37 2.29 -9.87
N ASN A 395 -21.74 3.50 -10.31
CA ASN A 395 -21.99 4.53 -9.33
C ASN A 395 -23.16 4.13 -8.46
N GLY A 396 -23.07 4.49 -7.19
CA GLY A 396 -24.08 4.20 -6.21
C GLY A 396 -23.84 2.90 -5.45
N GLN A 397 -22.80 2.14 -5.82
CA GLN A 397 -22.50 0.85 -5.21
C GLN A 397 -21.21 0.89 -4.44
N SER A 398 -21.15 -0.02 -3.48
CA SER A 398 -19.94 -0.18 -2.68
C SER A 398 -19.10 -1.07 -3.56
N LEU A 399 -17.86 -0.70 -3.81
CA LEU A 399 -17.06 -1.50 -4.69
C LEU A 399 -15.81 -2.06 -4.04
N GLY A 400 -15.74 -2.01 -2.72
CA GLY A 400 -14.54 -2.46 -1.99
C GLY A 400 -14.18 -3.93 -2.08
N ASN A 401 -15.07 -4.77 -2.56
CA ASN A 401 -14.81 -6.19 -2.73
C ASN A 401 -15.14 -6.54 -4.17
N VAL A 402 -14.98 -5.55 -5.06
CA VAL A 402 -15.23 -5.83 -6.47
C VAL A 402 -14.02 -5.68 -7.37
N LEU A 403 -13.79 -6.66 -8.26
CA LEU A 403 -12.76 -6.62 -9.27
C LEU A 403 -13.50 -6.41 -10.56
N LEU A 404 -13.03 -5.48 -11.39
CA LEU A 404 -13.63 -5.15 -12.64
C LEU A 404 -13.00 -6.00 -13.73
N ALA A 405 -13.84 -6.54 -14.61
CA ALA A 405 -13.38 -7.34 -15.71
C ALA A 405 -14.20 -7.05 -16.95
N GLY A 406 -13.60 -7.53 -18.05
CA GLY A 406 -14.26 -7.49 -19.34
C GLY A 406 -13.60 -6.64 -20.41
N GLY A 407 -12.74 -7.20 -21.23
CA GLY A 407 -12.18 -6.30 -22.23
C GLY A 407 -11.08 -5.34 -21.74
N LEU A 408 -10.54 -5.62 -20.56
CA LEU A 408 -9.51 -4.79 -19.98
C LEU A 408 -8.15 -4.94 -20.60
N GLY A 409 -7.62 -3.83 -21.11
CA GLY A 409 -6.32 -3.91 -21.74
C GLY A 409 -5.59 -2.59 -21.72
N ALA A 410 -4.48 -2.58 -22.45
CA ALA A 410 -3.59 -1.43 -22.48
C ALA A 410 -4.24 -0.10 -22.83
N ASP A 411 -5.09 -0.23 -23.80
CA ASP A 411 -5.74 0.88 -24.40
C ASP A 411 -6.83 1.48 -23.56
N ASN A 412 -7.33 0.77 -22.55
CA ASN A 412 -8.45 1.26 -21.75
C ASN A 412 -8.24 1.10 -20.24
N CYS A 413 -7.04 0.70 -19.88
CA CYS A 413 -6.68 0.46 -18.51
C CYS A 413 -6.77 1.75 -17.69
N VAL A 414 -6.42 2.90 -18.29
CA VAL A 414 -6.58 4.19 -17.58
C VAL A 414 -8.00 4.38 -17.08
N GLU A 415 -8.97 4.34 -17.98
CA GLU A 415 -10.32 4.61 -17.57
C GLU A 415 -10.81 3.63 -16.51
N ALA A 416 -10.51 2.36 -16.78
CA ALA A 416 -10.88 1.25 -15.89
C ALA A 416 -10.39 1.44 -14.46
N ALA A 417 -9.12 1.80 -14.33
CA ALA A 417 -8.51 2.01 -13.02
C ALA A 417 -9.16 3.16 -12.28
N GLN A 418 -9.79 4.07 -13.05
CA GLN A 418 -10.52 5.22 -12.52
C GLN A 418 -11.96 4.97 -12.07
N THR A 419 -12.53 3.78 -12.31
CA THR A 419 -13.90 3.51 -11.91
C THR A 419 -14.09 3.38 -10.41
N GLY A 420 -13.04 3.11 -9.63
CA GLY A 420 -13.18 3.01 -8.18
C GLY A 420 -13.24 1.58 -7.60
N CYS A 421 -13.06 0.54 -8.39
CA CYS A 421 -13.13 -0.84 -7.91
C CYS A 421 -11.83 -1.21 -7.21
N ALA A 422 -11.89 -2.35 -6.56
CA ALA A 422 -10.77 -2.89 -5.85
C ALA A 422 -9.58 -3.32 -6.69
N GLY A 423 -9.87 -3.74 -7.93
CA GLY A 423 -8.79 -4.14 -8.77
C GLY A 423 -9.38 -4.46 -10.10
N LEU A 424 -8.51 -4.80 -11.03
CA LEU A 424 -8.91 -5.11 -12.38
C LEU A 424 -8.49 -6.53 -12.72
N ASP A 425 -9.30 -7.19 -13.55
CA ASP A 425 -9.07 -8.57 -14.04
C ASP A 425 -8.76 -8.60 -15.55
N PHE A 426 -7.50 -8.91 -15.89
CA PHE A 426 -7.04 -8.98 -17.26
C PHE A 426 -6.98 -10.41 -17.77
N ASN A 427 -7.44 -10.52 -19.00
CA ASN A 427 -7.37 -11.84 -19.60
C ASN A 427 -6.93 -11.81 -21.07
N SER A 428 -7.93 -11.90 -21.93
CA SER A 428 -7.70 -11.91 -23.36
C SER A 428 -7.01 -10.65 -23.92
N ALA A 429 -7.39 -9.47 -23.44
CA ALA A 429 -6.77 -8.29 -24.00
C ALA A 429 -5.28 -8.18 -23.76
N VAL A 430 -4.71 -9.07 -22.96
CA VAL A 430 -3.26 -8.93 -22.84
C VAL A 430 -2.53 -10.14 -23.40
N GLU A 431 -3.25 -10.76 -24.30
CA GLU A 431 -2.74 -11.96 -24.94
C GLU A 431 -2.33 -11.80 -26.40
N SER A 432 -1.41 -12.65 -26.87
CA SER A 432 -1.01 -12.69 -28.27
C SER A 432 -1.82 -13.78 -28.99
N GLN A 433 -2.17 -14.84 -28.24
CA GLN A 433 -2.98 -16.03 -28.53
C GLN A 433 -3.60 -16.49 -27.23
N PRO A 434 -4.82 -17.02 -27.33
CA PRO A 434 -5.56 -17.50 -26.16
C PRO A 434 -4.67 -18.38 -25.32
N GLY A 435 -4.59 -18.00 -24.04
CA GLY A 435 -3.74 -18.63 -23.04
C GLY A 435 -2.28 -18.22 -23.12
N ILE A 436 -1.95 -17.35 -24.09
CA ILE A 436 -0.55 -16.97 -24.14
C ILE A 436 -0.46 -15.48 -23.94
N LYS A 437 0.18 -15.12 -22.83
CA LYS A 437 0.27 -13.74 -22.44
C LYS A 437 1.46 -13.06 -23.10
N ASP A 438 1.21 -11.81 -23.45
CA ASP A 438 2.15 -10.86 -24.06
C ASP A 438 2.75 -10.02 -22.94
N ALA A 439 3.98 -10.35 -22.60
CA ALA A 439 4.74 -9.75 -21.53
C ALA A 439 4.84 -8.25 -21.67
N ARG A 440 4.83 -7.81 -22.91
CA ARG A 440 4.95 -6.37 -23.06
C ARG A 440 3.66 -5.63 -22.79
N LEU A 441 2.55 -6.28 -23.15
CA LEU A 441 1.20 -5.77 -22.89
C LEU A 441 1.01 -5.71 -21.36
N LEU A 442 1.49 -6.77 -20.73
CA LEU A 442 1.43 -6.88 -19.29
C LEU A 442 2.23 -5.73 -18.66
N ALA A 443 3.46 -5.54 -19.10
CA ALA A 443 4.23 -4.50 -18.42
C ALA A 443 3.59 -3.14 -18.63
N SER A 444 2.92 -3.03 -19.78
CA SER A 444 2.25 -1.83 -20.15
C SER A 444 1.04 -1.52 -19.29
N VAL A 445 0.21 -2.54 -19.05
CA VAL A 445 -0.92 -2.23 -18.20
C VAL A 445 -0.50 -1.89 -16.77
N PHE A 446 0.47 -2.63 -16.25
CA PHE A 446 0.86 -2.35 -14.88
C PHE A 446 1.55 -1.01 -14.71
N GLN A 447 2.24 -0.60 -15.75
CA GLN A 447 2.87 0.72 -15.78
C GLN A 447 1.76 1.74 -15.70
N THR A 448 0.70 1.59 -16.51
CA THR A 448 -0.38 2.55 -16.43
C THR A 448 -0.97 2.56 -15.02
N LEU A 449 -1.12 1.40 -14.40
CA LEU A 449 -1.78 1.41 -13.11
C LEU A 449 -1.16 2.31 -12.06
N ARG A 450 0.14 2.58 -12.23
CA ARG A 450 0.89 3.40 -11.30
C ARG A 450 1.02 4.85 -11.81
N ALA A 451 0.62 5.10 -13.04
CA ALA A 451 0.75 6.46 -13.57
C ALA A 451 -0.27 7.42 -13.03
N TYR A 452 -0.13 7.86 -11.78
CA TYR A 452 -1.07 8.81 -11.21
C TYR A 452 -0.33 9.65 -10.17
#